data_8BUX
#
_entry.id   8BUX
#
_cell.length_a   60.388
_cell.length_b   123.956
_cell.length_c   38.068
_cell.angle_alpha   90.000
_cell.angle_beta   90.000
_cell.angle_gamma   90.000
#
_symmetry.space_group_name_H-M   'P 21 21 2'
#
loop_
_entity.id
_entity.type
_entity.pdbx_description
1 polymer 'Granule associated Rac and RHOG effector protein 1'
2 non-polymer 1,2-ETHANEDIOL
3 non-polymer 'MALONATE ION'
4 non-polymer 'MAGNESIUM ION'
5 water water
#
_entity_poly.entity_id   1
_entity_poly.type   'polypeptide(L)'
_entity_poly.pdbx_seq_one_letter_code
;GA(MSE)GSEAVRSWRGAAEATSRLRERGCDGCLAGIEVQQLFCSQSAAIPEHQLKELNIKIDSALQAYKIALESLGHCE
YA(MSE)KAGFHLNPKAIEASLQGCCSEAEAQQTGRRQTPPQP(MSE)QCELPTVPVQIGSHFLKGVSFNESAADNLKLK
THT(MSE)LQL(MSE)KEAGCYNGITSRDDFPVTEVLNQVCPSTWRGACKTAVQLLFGQAGLVVVDTAQIENKEAYAPQI
SLEGSRIVVQVPSTWCLKEDPAT(MSE)SLLQRSLDPEKTLGLVDVLYTAVLDLNRWRAGREQALPCIQIQLQREICDFG
NQADLPSGNGNKSSGGLQKTFSKLTSRFTKKASCTSSS
;
_entity_poly.pdbx_strand_id   A
#
loop_
_chem_comp.id
_chem_comp.type
_chem_comp.name
_chem_comp.formula
EDO non-polymer 1,2-ETHANEDIOL 'C2 H6 O2'
MG non-polymer 'MAGNESIUM ION' 'Mg 2'
MLI non-polymer 'MALONATE ION' 'C3 H2 O4 -2'
#
# COMPACT_ATOMS: atom_id res chain seq x y z
N GLY A 1 6.47 21.13 -8.87
CA GLY A 1 5.53 22.14 -8.44
C GLY A 1 5.10 21.99 -7.00
N ALA A 2 4.07 22.74 -6.59
CA ALA A 2 3.60 22.67 -5.21
C ALA A 2 2.89 21.36 -4.90
N MSE A 3 2.26 20.72 -5.89
CA MSE A 3 1.66 19.43 -5.62
C MSE A 3 2.70 18.40 -5.23
O MSE A 3 2.49 17.59 -4.30
CB MSE A 3 0.90 18.92 -6.83
CG MSE A 3 -0.34 19.70 -7.18
SE MSE A 3 -1.52 18.52 -8.27
CE MSE A 3 -0.16 17.47 -9.24
H MSE A 3 2.18 21.02 -6.70
HA MSE A 3 1.03 19.56 -4.89
HB2 MSE A 3 1.49 18.94 -7.61
HB3 MSE A 3 0.62 18.00 -6.66
HG2 MSE A 3 -0.80 19.96 -6.37
HG3 MSE A 3 -0.10 20.49 -7.69
HE1 MSE A 3 -0.57 17.06 -10.01
HE2 MSE A 3 0.56 18.06 -9.52
HE3 MSE A 3 0.19 16.78 -8.65
N GLY A 4 3.81 18.38 -5.96
CA GLY A 4 4.88 17.46 -5.63
C GLY A 4 5.50 17.74 -4.28
N SER A 5 5.69 19.02 -3.95
CA SER A 5 6.25 19.38 -2.65
C SER A 5 5.35 18.92 -1.53
N GLU A 6 4.04 19.17 -1.65
CA GLU A 6 3.08 18.70 -0.64
C GLU A 6 3.17 17.19 -0.46
N ALA A 7 3.24 16.45 -1.57
CA ALA A 7 3.30 14.99 -1.51
C ALA A 7 4.54 14.51 -0.77
N VAL A 8 5.69 15.06 -1.11
CA VAL A 8 6.92 14.69 -0.41
C VAL A 8 6.80 14.97 1.09
N ARG A 9 6.28 16.15 1.48
CA ARG A 9 6.14 16.42 2.91
C ARG A 9 5.19 15.43 3.57
N SER A 10 4.20 14.95 2.82
CA SER A 10 3.27 13.96 3.36
C SER A 10 3.97 12.62 3.56
N TRP A 11 4.91 12.27 2.69
CA TRP A 11 5.62 11.01 2.91
C TRP A 11 6.59 11.14 4.07
N ARG A 12 7.31 12.25 4.12
CA ARG A 12 8.18 12.51 5.27
C ARG A 12 7.41 12.51 6.58
N GLY A 13 6.24 13.16 6.59
CA GLY A 13 5.50 13.33 7.82
C GLY A 13 4.98 12.00 8.33
N ALA A 14 4.60 11.12 7.41
CA ALA A 14 4.22 9.76 7.78
C ALA A 14 5.38 9.03 8.44
N ALA A 15 6.53 8.96 7.76
CA ALA A 15 7.66 8.23 8.34
C ALA A 15 8.11 8.84 9.67
N GLU A 16 8.00 10.16 9.80
CA GLU A 16 8.40 10.79 11.05
C GLU A 16 7.41 10.50 12.16
N ALA A 17 6.12 10.44 11.82
CA ALA A 17 5.09 10.24 12.84
C ALA A 17 5.21 8.90 13.54
N THR A 18 5.67 7.88 12.81
CA THR A 18 5.79 6.52 13.32
C THR A 18 7.24 6.10 13.48
N SER A 19 8.16 7.06 13.60
CA SER A 19 9.58 6.72 13.62
C SER A 19 9.93 5.84 14.82
N ARG A 20 9.08 5.80 15.85
CA ARG A 20 9.34 4.93 16.99
C ARG A 20 9.30 3.44 16.62
N LEU A 21 8.72 3.11 15.48
CA LEU A 21 8.72 1.74 14.99
C LEU A 21 10.03 1.32 14.35
N ARG A 22 10.99 2.23 14.25
CA ARG A 22 12.21 2.00 13.48
C ARG A 22 13.41 2.40 14.32
N GLU A 23 13.32 2.20 15.63
CA GLU A 23 14.42 2.50 16.53
C GLU A 23 15.53 1.46 16.37
N ARG A 24 16.77 1.92 16.35
CA ARG A 24 17.90 1.03 16.21
C ARG A 24 18.28 0.38 17.53
N GLY A 25 18.91 -0.79 17.44
CA GLY A 25 19.29 -1.55 18.60
C GLY A 25 20.35 -0.84 19.41
N CYS A 26 20.86 -1.56 20.42
CA CYS A 26 21.89 -1.01 21.29
C CYS A 26 23.20 -0.80 20.55
N ASP A 27 23.44 -1.58 19.49
CA ASP A 27 24.66 -1.45 18.73
C ASP A 27 24.50 -0.51 17.54
N GLY A 28 23.39 0.19 17.46
CA GLY A 28 23.23 1.25 16.48
C GLY A 28 22.76 0.80 15.13
N CYS A 29 22.36 -0.45 14.99
CA CYS A 29 21.87 -0.99 13.73
CA CYS A 29 21.89 -1.04 13.75
C CYS A 29 20.45 -1.48 13.95
N LEU A 30 19.65 -1.43 12.89
CA LEU A 30 18.39 -2.16 12.96
C LEU A 30 18.72 -3.65 13.04
N ALA A 31 18.09 -4.36 13.98
CA ALA A 31 18.50 -5.72 14.29
C ALA A 31 18.33 -6.68 13.11
N GLY A 32 17.24 -6.54 12.37
CA GLY A 32 17.01 -7.44 11.24
C GLY A 32 18.01 -7.23 10.14
N ILE A 33 18.40 -5.98 9.91
CA ILE A 33 19.44 -5.66 8.96
C ILE A 33 20.76 -6.28 9.36
N GLU A 34 21.09 -6.19 10.65
CA GLU A 34 22.30 -6.84 11.17
C GLU A 34 22.26 -8.34 10.92
N VAL A 35 21.14 -9.01 11.24
CA VAL A 35 21.00 -10.45 10.98
C VAL A 35 21.30 -10.77 9.52
N GLN A 36 20.67 -10.02 8.60
CA GLN A 36 20.83 -10.33 7.19
C GLN A 36 22.26 -10.05 6.75
N GLN A 37 22.88 -9.02 7.29
CA GLN A 37 24.25 -8.75 6.87
C GLN A 37 25.19 -9.81 7.41
N LEU A 38 24.97 -10.27 8.64
CA LEU A 38 25.84 -11.30 9.19
C LEU A 38 25.63 -12.64 8.49
N PHE A 39 24.40 -12.93 8.07
CA PHE A 39 24.18 -14.17 7.32
C PHE A 39 24.98 -14.16 6.03
N CYS A 40 25.08 -13.01 5.38
CA CYS A 40 25.94 -12.86 4.21
C CYS A 40 27.42 -12.92 4.58
N SER A 41 27.84 -12.17 5.60
CA SER A 41 29.27 -12.13 5.90
CA SER A 41 29.26 -12.12 5.92
C SER A 41 29.78 -13.47 6.40
N GLN A 42 28.91 -14.28 7.02
CA GLN A 42 29.27 -15.60 7.55
C GLN A 42 28.93 -16.71 6.55
N SER A 43 28.69 -16.36 5.29
CA SER A 43 28.45 -17.33 4.23
C SER A 43 27.37 -18.35 4.61
N ALA A 44 26.30 -17.85 5.22
CA ALA A 44 25.13 -18.64 5.63
C ALA A 44 25.40 -19.61 6.79
N ALA A 45 26.51 -19.42 7.52
CA ALA A 45 26.89 -20.32 8.62
C ALA A 45 27.13 -19.43 9.82
N ILE A 46 26.06 -18.93 10.40
CA ILE A 46 26.22 -18.15 11.62
C ILE A 46 26.47 -19.09 12.80
N PRO A 47 27.58 -18.95 13.52
CA PRO A 47 27.87 -19.94 14.55
C PRO A 47 26.82 -19.90 15.65
N GLU A 48 26.71 -21.01 16.37
CA GLU A 48 25.59 -21.22 17.27
C GLU A 48 25.48 -20.10 18.30
N HIS A 49 26.62 -19.60 18.79
CA HIS A 49 26.59 -18.59 19.84
C HIS A 49 26.05 -17.25 19.32
N GLN A 50 26.52 -16.84 18.14
CA GLN A 50 26.04 -15.59 17.54
C GLN A 50 24.58 -15.72 17.15
N LEU A 51 24.18 -16.89 16.71
CA LEU A 51 22.78 -17.12 16.41
C LEU A 51 21.91 -16.89 17.63
N LYS A 52 22.36 -17.36 18.81
CA LYS A 52 21.54 -17.13 20.00
C LYS A 52 21.51 -15.65 20.39
N GLU A 53 22.67 -15.00 20.35
CA GLU A 53 22.71 -13.57 20.57
C GLU A 53 21.79 -12.82 19.62
N LEU A 54 21.78 -13.20 18.34
CA LEU A 54 20.90 -12.53 17.38
C LEU A 54 19.43 -12.79 17.68
N ASN A 55 19.08 -14.02 18.07
CA ASN A 55 17.69 -14.33 18.40
C ASN A 55 17.23 -13.56 19.63
N ILE A 56 18.13 -13.39 20.60
CA ILE A 56 17.82 -12.58 21.76
C ILE A 56 17.61 -11.12 21.35
N LYS A 57 18.47 -10.58 20.48
CA LYS A 57 18.29 -9.21 20.00
C LYS A 57 17.00 -9.05 19.21
N ILE A 58 16.66 -10.05 18.40
CA ILE A 58 15.46 -9.97 17.59
C ILE A 58 14.20 -10.09 18.45
N ASP A 59 14.22 -10.97 19.46
CA ASP A 59 13.11 -10.98 20.42
C ASP A 59 12.89 -9.59 21.01
N SER A 60 13.98 -8.89 21.38
CA SER A 60 13.84 -7.57 21.99
CA SER A 60 13.86 -7.57 21.99
C SER A 60 13.35 -6.54 20.98
N ALA A 61 13.82 -6.62 19.74
CA ALA A 61 13.36 -5.70 18.70
C ALA A 61 11.87 -5.87 18.42
N LEU A 62 11.41 -7.12 18.36
CA LEU A 62 9.99 -7.42 18.10
C LEU A 62 9.14 -6.97 19.27
N GLN A 63 9.63 -7.13 20.49
CA GLN A 63 8.89 -6.63 21.65
CA GLN A 63 8.91 -6.63 21.67
C GLN A 63 8.82 -5.10 21.65
N ALA A 64 9.92 -4.43 21.31
CA ALA A 64 9.90 -2.97 21.23
C ALA A 64 8.96 -2.49 20.13
N TYR A 65 9.01 -3.14 18.97
CA TYR A 65 8.13 -2.77 17.88
C TYR A 65 6.65 -2.87 18.29
N LYS A 66 6.28 -3.99 18.90
CA LYS A 66 4.90 -4.18 19.33
C LYS A 66 4.48 -3.13 20.35
N ILE A 67 5.36 -2.81 21.31
CA ILE A 67 5.00 -1.80 22.31
C ILE A 67 4.86 -0.44 21.66
N ALA A 68 5.79 -0.11 20.76
CA ALA A 68 5.70 1.16 20.04
C ALA A 68 4.43 1.23 19.20
N LEU A 69 4.07 0.12 18.55
CA LEU A 69 2.89 0.08 17.68
C LEU A 69 1.63 0.33 18.51
N GLU A 70 1.50 -0.39 19.62
CA GLU A 70 0.44 -0.09 20.58
C GLU A 70 0.39 1.37 20.94
N SER A 71 1.56 1.98 21.22
CA SER A 71 1.58 3.36 21.70
C SER A 71 1.08 4.33 20.64
N LEU A 72 1.06 3.94 19.38
CA LEU A 72 0.55 4.80 18.32
C LEU A 72 -0.96 4.86 18.30
N GLY A 73 -1.63 3.90 18.92
CA GLY A 73 -3.08 3.88 18.84
C GLY A 73 -3.55 3.52 17.44
N HIS A 74 -4.69 4.11 17.06
CA HIS A 74 -5.33 3.77 15.81
C HIS A 74 -5.80 5.00 15.06
N CYS A 75 -4.92 5.98 14.90
CA CYS A 75 -5.28 7.19 14.18
CA CYS A 75 -5.38 7.15 14.19
C CYS A 75 -5.36 6.91 12.68
N GLU A 76 -6.13 7.72 11.99
CA GLU A 76 -6.16 7.66 10.54
C GLU A 76 -5.02 8.52 10.02
N TYR A 77 -4.14 7.95 9.23
CA TYR A 77 -3.10 8.70 8.55
C TYR A 77 -3.50 9.02 7.12
N ALA A 78 -2.94 10.10 6.59
CA ALA A 78 -3.20 10.52 5.23
C ALA A 78 -1.91 10.99 4.56
N MSE A 79 -1.77 10.65 3.29
CA MSE A 79 -0.67 11.18 2.50
C MSE A 79 -1.08 11.24 1.04
O MSE A 79 -2.14 10.73 0.70
CB MSE A 79 0.57 10.32 2.67
CG MSE A 79 0.51 8.95 1.98
SE MSE A 79 2.16 7.94 2.27
CE MSE A 79 1.86 7.33 4.08
H MSE A 79 -2.30 10.12 2.86
HA MSE A 79 -0.44 12.07 2.81
HB2 MSE A 79 1.33 10.80 2.31
HB3 MSE A 79 0.70 10.16 3.62
HG2 MSE A 79 -0.24 8.44 2.34
HG3 MSE A 79 0.39 9.08 1.02
HE1 MSE A 79 2.64 6.82 4.37
HE2 MSE A 79 1.75 8.10 4.66
HE3 MSE A 79 1.07 6.77 4.11
N LYS A 80 -0.24 11.84 0.20
CA LYS A 80 -0.42 11.73 -1.23
C LYS A 80 0.31 10.52 -1.83
N ALA A 81 -0.19 10.06 -2.98
CA ALA A 81 0.50 9.06 -3.79
C ALA A 81 1.52 9.86 -4.61
N GLY A 82 1.77 9.49 -5.85
CA GLY A 82 2.72 10.26 -6.64
C GLY A 82 4.19 9.93 -6.42
N PHE A 83 4.50 8.73 -5.97
CA PHE A 83 5.88 8.38 -5.63
C PHE A 83 6.80 8.46 -6.85
N HIS A 84 6.28 8.09 -8.03
CA HIS A 84 7.09 8.17 -9.25
C HIS A 84 7.55 9.58 -9.58
N LEU A 85 6.88 10.62 -9.05
CA LEU A 85 7.27 12.00 -9.31
C LEU A 85 8.57 12.41 -8.60
N ASN A 86 9.01 11.66 -7.61
CA ASN A 86 10.21 12.07 -6.90
C ASN A 86 10.86 10.83 -6.28
N PRO A 87 11.56 10.04 -7.10
CA PRO A 87 12.19 8.81 -6.58
C PRO A 87 13.13 9.06 -5.42
N LYS A 88 13.91 10.14 -5.48
CA LYS A 88 14.88 10.41 -4.43
C LYS A 88 14.20 10.68 -3.10
N ALA A 89 13.09 11.41 -3.14
CA ALA A 89 12.34 11.71 -1.93
C ALA A 89 11.79 10.44 -1.30
N ILE A 90 11.20 9.55 -2.11
CA ILE A 90 10.54 8.42 -1.49
C ILE A 90 11.58 7.41 -1.00
N GLU A 91 12.70 7.26 -1.71
CA GLU A 91 13.79 6.43 -1.21
C GLU A 91 14.30 6.97 0.12
N ALA A 92 14.40 8.29 0.25
CA ALA A 92 14.87 8.86 1.50
C ALA A 92 13.87 8.63 2.63
N SER A 93 12.58 8.73 2.34
CA SER A 93 11.60 8.55 3.41
C SER A 93 11.41 7.11 3.80
N LEU A 94 11.71 6.19 2.89
CA LEU A 94 11.62 4.78 3.18
C LEU A 94 12.84 4.22 3.92
N GLN A 95 13.87 5.02 4.20
CA GLN A 95 15.04 4.52 4.91
CA GLN A 95 15.03 4.53 4.92
C GLN A 95 14.63 3.86 6.23
N GLY A 96 15.03 2.60 6.41
CA GLY A 96 14.64 1.86 7.59
C GLY A 96 13.25 1.26 7.58
N CYS A 97 12.43 1.56 6.58
CA CYS A 97 11.09 0.99 6.47
C CYS A 97 11.04 -0.34 5.74
N CYS A 98 11.93 -0.55 4.78
CA CYS A 98 12.00 -1.77 3.98
C CYS A 98 13.45 -1.92 3.56
N SER A 99 13.77 -2.99 2.85
CA SER A 99 15.17 -3.22 2.50
C SER A 99 15.72 -2.10 1.63
N GLU A 100 17.04 -1.91 1.68
CA GLU A 100 17.69 -0.96 0.78
C GLU A 100 17.37 -1.29 -0.67
N ALA A 101 17.40 -2.57 -1.03
CA ALA A 101 17.06 -2.95 -2.40
C ALA A 101 15.64 -2.52 -2.76
N GLU A 102 14.69 -2.80 -1.88
CA GLU A 102 13.32 -2.42 -2.21
C GLU A 102 13.16 -0.91 -2.23
N ALA A 103 13.86 -0.19 -1.34
CA ALA A 103 13.80 1.28 -1.40
C ALA A 103 14.35 1.81 -2.72
N GLN A 104 15.50 1.29 -3.18
CA GLN A 104 16.06 1.80 -4.45
C GLN A 104 15.09 1.64 -5.61
N GLN A 105 14.27 0.61 -5.60
CA GLN A 105 13.40 0.37 -6.73
C GLN A 105 12.07 1.09 -6.65
N THR A 106 11.73 1.65 -5.49
CA THR A 106 10.38 2.16 -5.29
C THR A 106 10.06 3.34 -6.21
N GLY A 107 11.02 4.23 -6.46
CA GLY A 107 10.66 5.37 -7.29
C GLY A 107 10.51 5.02 -8.77
N ARG A 108 11.12 3.93 -9.21
CA ARG A 108 11.26 3.62 -10.63
C ARG A 108 10.09 2.77 -11.12
N ARG A 109 9.61 3.10 -12.31
CA ARG A 109 8.52 2.36 -12.95
C ARG A 109 9.07 1.20 -13.76
N PRO A 115 -2.47 -0.41 -20.03
CA PRO A 115 -2.41 -0.83 -18.62
C PRO A 115 -3.67 -1.52 -18.10
N MSE A 116 -4.80 -1.35 -18.79
CA MSE A 116 -6.08 -1.87 -18.32
C MSE A 116 -6.61 -2.98 -19.25
O MSE A 116 -7.37 -3.86 -18.83
CB MSE A 116 -7.12 -0.75 -18.19
CG MSE A 116 -7.33 0.09 -19.44
SE MSE A 116 -9.20 0.68 -19.69
H MSE A 116 -4.85 -0.92 -19.55
HA MSE A 116 -5.95 -2.26 -17.44
HB2 MSE A 116 -7.98 -1.14 -17.96
HB3 MSE A 116 -6.83 -0.15 -17.49
HG2 MSE A 116 -6.78 0.88 -19.38
HG3 MSE A 116 -7.08 -0.44 -20.22
N GLN A 117 -6.19 -2.92 -20.51
CA GLN A 117 -6.68 -3.88 -21.49
C GLN A 117 -6.63 -5.30 -20.95
N CYS A 118 -5.59 -5.63 -20.19
CA CYS A 118 -5.39 -6.99 -19.69
C CYS A 118 -5.77 -7.16 -18.23
N GLU A 119 -5.71 -6.09 -17.42
CA GLU A 119 -6.02 -6.22 -16.00
C GLU A 119 -7.49 -5.94 -15.70
N LEU A 120 -8.09 -4.97 -16.40
CA LEU A 120 -9.42 -4.52 -16.00
C LEU A 120 -10.44 -5.65 -16.02
N PRO A 121 -10.43 -6.58 -16.99
CA PRO A 121 -11.46 -7.64 -16.98
C PRO A 121 -11.55 -8.40 -15.68
N THR A 122 -10.44 -8.67 -14.99
CA THR A 122 -10.54 -9.43 -13.74
C THR A 122 -10.81 -8.54 -12.53
N VAL A 123 -10.95 -7.23 -12.70
CA VAL A 123 -11.24 -6.33 -11.57
C VAL A 123 -12.74 -6.18 -11.43
N PRO A 124 -13.34 -6.59 -10.31
CA PRO A 124 -14.72 -6.19 -10.05
C PRO A 124 -14.76 -4.73 -9.69
N VAL A 125 -15.77 -4.04 -10.18
CA VAL A 125 -15.85 -2.61 -9.95
C VAL A 125 -17.30 -2.17 -10.03
N GLN A 126 -17.63 -1.24 -9.16
CA GLN A 126 -18.92 -0.60 -9.18
C GLN A 126 -18.78 0.78 -9.81
N ILE A 127 -19.52 1.01 -10.89
CA ILE A 127 -19.53 2.27 -11.62
C ILE A 127 -20.93 2.83 -11.43
N GLY A 128 -21.03 3.95 -10.73
CA GLY A 128 -22.33 4.51 -10.42
C GLY A 128 -23.09 3.48 -9.62
N SER A 129 -24.33 3.21 -10.02
CA SER A 129 -25.12 2.18 -9.36
C SER A 129 -24.88 0.76 -9.90
N HIS A 130 -23.94 0.55 -10.83
CA HIS A 130 -23.81 -0.73 -11.50
C HIS A 130 -22.58 -1.50 -11.03
N PHE A 131 -22.80 -2.66 -10.45
CA PHE A 131 -21.71 -3.56 -10.11
C PHE A 131 -21.31 -4.37 -11.33
N LEU A 132 -20.04 -4.31 -11.71
CA LEU A 132 -19.49 -4.99 -12.88
C LEU A 132 -18.51 -6.04 -12.39
N LYS A 133 -18.87 -7.31 -12.56
CA LYS A 133 -18.08 -8.40 -12.00
C LYS A 133 -16.72 -8.51 -12.66
N GLY A 134 -15.77 -9.11 -11.96
CA GLY A 134 -14.60 -9.64 -12.62
C GLY A 134 -14.99 -10.81 -13.50
N VAL A 135 -14.28 -10.96 -14.62
CA VAL A 135 -14.67 -11.97 -15.61
C VAL A 135 -14.44 -13.36 -15.03
N SER A 136 -15.35 -14.29 -15.34
CA SER A 136 -15.17 -15.70 -15.07
C SER A 136 -14.51 -16.38 -16.27
N PHE A 137 -13.87 -17.54 -16.01
CA PHE A 137 -13.13 -18.20 -17.07
C PHE A 137 -14.01 -18.52 -18.27
N ASN A 138 -15.29 -18.77 -18.05
CA ASN A 138 -16.18 -19.16 -19.13
C ASN A 138 -16.77 -17.97 -19.88
N GLU A 139 -16.33 -16.75 -19.54
CA GLU A 139 -16.88 -15.50 -20.08
C GLU A 139 -15.84 -14.82 -20.98
N SER A 140 -16.33 -14.04 -21.94
CA SER A 140 -15.45 -13.25 -22.80
C SER A 140 -14.87 -12.08 -21.99
N ALA A 141 -13.54 -12.04 -21.93
CA ALA A 141 -12.85 -10.91 -21.31
C ALA A 141 -13.06 -9.63 -22.11
N ALA A 142 -13.06 -9.74 -23.46
CA ALA A 142 -13.35 -8.60 -24.31
C ALA A 142 -14.73 -8.02 -24.02
N ASP A 143 -15.74 -8.88 -23.86
CA ASP A 143 -17.09 -8.40 -23.59
C ASP A 143 -17.18 -7.78 -22.20
N ASN A 144 -16.46 -8.34 -21.23
CA ASN A 144 -16.41 -7.73 -19.90
C ASN A 144 -15.80 -6.33 -19.95
N LEU A 145 -14.73 -6.19 -20.72
CA LEU A 145 -14.08 -4.91 -20.93
C LEU A 145 -15.01 -3.92 -21.62
N LYS A 146 -15.70 -4.37 -22.68
CA LYS A 146 -16.59 -3.48 -23.40
C LYS A 146 -17.71 -2.97 -22.48
N LEU A 147 -18.21 -3.83 -21.59
CA LEU A 147 -19.27 -3.37 -20.71
C LEU A 147 -18.73 -2.33 -19.73
N LYS A 148 -17.53 -2.59 -19.20
CA LYS A 148 -16.95 -1.65 -18.24
C LYS A 148 -16.69 -0.30 -18.90
N THR A 149 -16.14 -0.29 -20.12
CA THR A 149 -15.85 0.99 -20.73
C THR A 149 -17.12 1.72 -21.13
N HIS A 150 -18.16 0.98 -21.55
CA HIS A 150 -19.42 1.65 -21.86
C HIS A 150 -20.10 2.20 -20.61
N THR A 151 -20.06 1.46 -19.51
CA THR A 151 -20.68 1.95 -18.28
C THR A 151 -19.94 3.20 -17.79
N MSE A 152 -18.62 3.20 -17.90
CA MSE A 152 -17.80 4.35 -17.55
C MSE A 152 -18.22 5.56 -18.41
O MSE A 152 -18.56 6.64 -17.91
CB MSE A 152 -16.31 4.03 -17.72
CG MSE A 152 -15.38 5.12 -17.31
SE MSE A 152 -15.38 5.43 -15.37
CE MSE A 152 -16.37 7.10 -15.29
H MSE A 152 -18.16 2.52 -18.18
HA MSE A 152 -17.92 4.59 -16.61
HB2 MSE A 152 -16.10 3.25 -17.18
HB3 MSE A 152 -16.15 3.83 -18.66
HG2 MSE A 152 -14.47 4.88 -17.58
HG3 MSE A 152 -15.64 5.95 -17.74
HE1 MSE A 152 -16.48 7.36 -14.36
HE2 MSE A 152 -15.87 7.78 -15.76
HE3 MSE A 152 -17.24 6.98 -15.70
N LEU A 153 -18.20 5.37 -19.72
CA LEU A 153 -18.62 6.45 -20.62
C LEU A 153 -20.03 6.93 -20.29
N GLN A 154 -20.98 6.01 -20.08
CA GLN A 154 -22.38 6.39 -19.87
C GLN A 154 -22.54 7.20 -18.58
N LEU A 155 -21.79 6.86 -17.54
CA LEU A 155 -21.80 7.66 -16.31
C LEU A 155 -21.55 9.13 -16.62
N MSE A 156 -20.70 9.43 -17.59
CA MSE A 156 -20.36 10.82 -17.92
C MSE A 156 -21.31 11.40 -18.95
O MSE A 156 -21.61 12.59 -18.91
CB MSE A 156 -18.91 10.91 -18.43
CG MSE A 156 -17.92 10.64 -17.34
SE MSE A 156 -16.02 10.63 -17.84
CE MSE A 156 -15.85 8.97 -18.84
H MSE A 156 -20.31 8.85 -18.08
HA MSE A 156 -20.43 11.35 -17.12
HB2 MSE A 156 -18.78 10.24 -19.13
HB3 MSE A 156 -18.75 11.79 -18.78
HG2 MSE A 156 -18.02 11.33 -16.66
HG3 MSE A 156 -18.11 9.77 -16.95
HE1 MSE A 156 -14.94 8.90 -19.18
HE2 MSE A 156 -16.04 8.22 -18.25
HE3 MSE A 156 -16.48 8.99 -19.58
N LYS A 157 -21.76 10.56 -19.90
CA LYS A 157 -22.76 11.00 -20.87
C LYS A 157 -24.10 11.27 -20.22
N GLU A 158 -24.51 10.42 -19.29
CA GLU A 158 -25.74 10.63 -18.53
C GLU A 158 -25.68 12.01 -17.90
N ARG A 168 -16.84 8.78 -27.25
CA ARG A 168 -15.94 7.95 -26.45
C ARG A 168 -14.54 8.59 -26.39
N ASP A 169 -14.01 8.89 -27.58
CA ASP A 169 -12.68 9.48 -27.67
C ASP A 169 -12.59 10.83 -26.97
N ASP A 170 -13.73 11.48 -26.71
CA ASP A 170 -13.73 12.80 -26.10
C ASP A 170 -13.70 12.77 -24.57
N PHE A 171 -14.00 11.61 -23.94
CA PHE A 171 -14.06 11.48 -22.48
C PHE A 171 -12.85 10.70 -21.95
N PRO A 172 -12.41 10.97 -20.71
CA PRO A 172 -11.22 10.29 -20.16
C PRO A 172 -11.54 8.91 -19.58
N VAL A 173 -12.11 8.04 -20.41
CA VAL A 173 -12.54 6.74 -19.94
C VAL A 173 -11.35 5.93 -19.45
N THR A 174 -10.30 5.87 -20.27
CA THR A 174 -9.14 5.06 -19.93
C THR A 174 -8.42 5.61 -18.72
N GLU A 175 -8.33 6.94 -18.61
CA GLU A 175 -7.61 7.55 -17.49
C GLU A 175 -8.27 7.22 -16.16
N VAL A 176 -9.60 7.18 -16.13
CA VAL A 176 -10.28 6.84 -14.89
C VAL A 176 -10.15 5.35 -14.61
N LEU A 177 -10.42 4.51 -15.63
CA LEU A 177 -10.40 3.08 -15.38
C LEU A 177 -9.00 2.57 -15.05
N ASN A 178 -7.96 3.23 -15.53
CA ASN A 178 -6.59 2.88 -15.13
C ASN A 178 -6.43 2.91 -13.60
N GLN A 179 -7.16 3.79 -12.92
CA GLN A 179 -7.00 3.96 -11.48
C GLN A 179 -7.55 2.79 -10.67
N VAL A 180 -8.41 1.94 -11.25
CA VAL A 180 -8.85 0.76 -10.51
C VAL A 180 -8.02 -0.47 -10.83
N CYS A 181 -7.12 -0.40 -11.81
CA CYS A 181 -6.21 -1.52 -12.05
C CYS A 181 -5.15 -1.61 -10.96
N PRO A 182 -4.91 -2.81 -10.40
CA PRO A 182 -3.92 -2.99 -9.32
C PRO A 182 -2.52 -2.52 -9.68
N SER A 183 -2.12 -2.62 -10.95
CA SER A 183 -0.82 -2.11 -11.35
C SER A 183 -0.69 -0.61 -11.09
N THR A 184 -1.81 0.11 -11.04
CA THR A 184 -1.77 1.54 -10.77
C THR A 184 -1.72 1.87 -9.28
N TRP A 185 -2.57 1.25 -8.46
CA TRP A 185 -2.73 1.66 -7.07
C TRP A 185 -1.98 0.77 -6.08
N ARG A 186 -1.67 -0.47 -6.43
CA ARG A 186 -1.28 -1.42 -5.40
C ARG A 186 0.13 -1.12 -4.89
N GLY A 187 1.08 -0.85 -5.78
CA GLY A 187 2.41 -0.48 -5.29
C GLY A 187 2.41 0.76 -4.42
N ALA A 188 1.62 1.75 -4.80
CA ALA A 188 1.54 2.99 -4.03
C ALA A 188 0.95 2.74 -2.65
N CYS A 189 -0.09 1.91 -2.54
CA CYS A 189 -0.65 1.58 -1.23
C CYS A 189 0.36 0.81 -0.38
N LYS A 190 1.05 -0.16 -0.96
CA LYS A 190 2.06 -0.89 -0.19
C LYS A 190 3.12 0.07 0.37
N THR A 191 3.60 1.00 -0.48
CA THR A 191 4.59 1.99 -0.05
C THR A 191 4.08 2.83 1.12
N ALA A 192 2.83 3.28 1.06
CA ALA A 192 2.24 4.03 2.17
C ALA A 192 2.27 3.21 3.46
N VAL A 193 1.85 1.95 3.39
CA VAL A 193 1.85 1.13 4.60
C VAL A 193 3.27 0.89 5.12
N GLN A 194 4.25 0.72 4.22
CA GLN A 194 5.66 0.60 4.61
C GLN A 194 6.18 1.85 5.30
N LEU A 195 5.90 3.03 4.74
CA LEU A 195 6.35 4.27 5.36
C LEU A 195 5.89 4.36 6.81
N LEU A 196 4.66 3.96 7.06
CA LEU A 196 4.10 4.05 8.39
C LEU A 196 4.53 2.89 9.31
N PHE A 197 4.45 1.66 8.85
CA PHE A 197 4.55 0.53 9.74
C PHE A 197 5.73 -0.40 9.50
N GLY A 198 6.51 -0.19 8.45
CA GLY A 198 7.59 -1.09 8.17
C GLY A 198 8.79 -0.87 9.08
N GLN A 199 9.49 -1.97 9.37
CA GLN A 199 10.85 -1.87 9.88
C GLN A 199 11.72 -2.83 9.08
N ALA A 200 12.68 -2.25 8.37
CA ALA A 200 13.54 -3.02 7.48
C ALA A 200 14.13 -4.21 8.22
N GLY A 201 13.98 -5.38 7.62
CA GLY A 201 14.52 -6.61 8.17
C GLY A 201 13.74 -7.22 9.30
N LEU A 202 12.68 -6.57 9.77
CA LEU A 202 11.96 -7.08 10.92
C LEU A 202 10.46 -7.22 10.69
N VAL A 203 9.84 -6.20 10.12
CA VAL A 203 8.39 -6.19 9.93
C VAL A 203 8.12 -5.78 8.50
N VAL A 204 7.45 -6.64 7.75
CA VAL A 204 7.19 -6.45 6.34
C VAL A 204 5.69 -6.33 6.11
N VAL A 205 5.35 -5.79 4.94
CA VAL A 205 3.99 -5.49 4.54
C VAL A 205 3.65 -6.45 3.43
N ASP A 206 2.47 -7.06 3.52
CA ASP A 206 1.99 -7.87 2.39
C ASP A 206 0.48 -7.70 2.28
N THR A 207 -0.09 -8.21 1.19
CA THR A 207 -1.54 -8.12 1.01
C THR A 207 -2.20 -9.07 2.01
N ALA A 208 -3.37 -8.68 2.49
CA ALA A 208 -4.12 -9.55 3.39
C ALA A 208 -4.99 -10.51 2.60
N GLN A 209 -5.30 -11.64 3.23
CA GLN A 209 -6.19 -12.65 2.65
C GLN A 209 -7.63 -12.18 2.77
N ILE A 210 -8.24 -11.84 1.64
CA ILE A 210 -9.59 -11.29 1.61
C ILE A 210 -10.56 -12.41 1.29
N GLU A 211 -11.60 -12.55 2.11
CA GLU A 211 -12.59 -13.61 1.87
C GLU A 211 -13.42 -13.30 0.63
N ASN A 212 -13.97 -12.10 0.55
CA ASN A 212 -14.90 -11.71 -0.51
C ASN A 212 -14.27 -10.60 -1.34
N LYS A 213 -13.64 -10.98 -2.47
CA LYS A 213 -13.01 -9.98 -3.33
C LYS A 213 -14.00 -8.92 -3.77
N GLU A 214 -15.26 -9.30 -3.98
CA GLU A 214 -16.27 -8.35 -4.47
C GLU A 214 -16.63 -7.31 -3.42
N ALA A 215 -16.44 -7.59 -2.13
CA ALA A 215 -16.71 -6.56 -1.13
C ALA A 215 -15.71 -5.42 -1.25
N TYR A 216 -14.51 -5.71 -1.74
CA TYR A 216 -13.47 -4.72 -1.95
C TYR A 216 -13.50 -4.11 -3.34
N ALA A 217 -14.58 -4.30 -4.10
CA ALA A 217 -14.56 -3.74 -5.44
C ALA A 217 -14.39 -2.23 -5.36
N PRO A 218 -13.54 -1.65 -6.18
CA PRO A 218 -13.49 -0.18 -6.26
C PRO A 218 -14.85 0.41 -6.62
N GLN A 219 -15.01 1.67 -6.21
CA GLN A 219 -16.22 2.44 -6.47
C GLN A 219 -15.85 3.65 -7.30
N ILE A 220 -16.59 3.86 -8.39
CA ILE A 220 -16.43 5.02 -9.25
C ILE A 220 -17.76 5.78 -9.23
N SER A 221 -17.69 7.07 -8.90
CA SER A 221 -18.88 7.90 -8.73
C SER A 221 -18.67 9.24 -9.44
N LEU A 222 -19.79 9.86 -9.82
CA LEU A 222 -19.79 11.18 -10.43
C LEU A 222 -20.41 12.12 -9.41
N GLU A 223 -19.63 13.09 -8.95
CA GLU A 223 -20.10 14.12 -8.03
C GLU A 223 -19.90 15.47 -8.72
N GLY A 224 -21.00 16.03 -9.23
CA GLY A 224 -20.93 17.26 -9.99
C GLY A 224 -20.16 17.09 -11.27
N SER A 225 -19.00 17.73 -11.35
CA SER A 225 -18.08 17.59 -12.46
C SER A 225 -16.84 16.79 -12.10
N ARG A 226 -16.86 16.08 -10.97
CA ARG A 226 -15.71 15.32 -10.49
CA ARG A 226 -15.71 15.31 -10.50
C ARG A 226 -16.01 13.83 -10.53
N ILE A 227 -15.11 13.06 -11.12
CA ILE A 227 -15.17 11.60 -11.06
C ILE A 227 -14.31 11.18 -9.87
N VAL A 228 -14.90 10.45 -8.92
CA VAL A 228 -14.20 10.02 -7.72
C VAL A 228 -14.03 8.51 -7.79
N VAL A 229 -12.78 8.04 -7.76
CA VAL A 229 -12.43 6.63 -7.72
C VAL A 229 -11.96 6.31 -6.31
N GLN A 230 -12.60 5.34 -5.66
CA GLN A 230 -12.22 4.89 -4.32
C GLN A 230 -11.85 3.42 -4.37
N VAL A 231 -10.62 3.11 -3.98
CA VAL A 231 -10.09 1.75 -4.02
C VAL A 231 -9.71 1.30 -2.61
N PRO A 232 -10.47 0.40 -2.01
CA PRO A 232 -10.11 -0.09 -0.67
C PRO A 232 -9.20 -1.31 -0.72
N SER A 233 -8.35 -1.41 0.29
CA SER A 233 -7.56 -2.62 0.42
C SER A 233 -7.18 -2.86 1.87
N THR A 234 -6.72 -4.08 2.14
CA THR A 234 -6.27 -4.44 3.48
C THR A 234 -4.94 -5.17 3.34
N TRP A 235 -4.03 -4.83 4.24
CA TRP A 235 -2.65 -5.27 4.25
C TRP A 235 -2.34 -5.89 5.60
N CYS A 236 -1.39 -6.82 5.62
CA CYS A 236 -0.94 -7.36 6.90
CA CYS A 236 -0.92 -7.43 6.86
C CYS A 236 0.47 -6.92 7.20
N LEU A 237 0.78 -6.79 8.50
CA LEU A 237 2.14 -6.61 9.01
C LEU A 237 2.61 -7.96 9.53
N LYS A 238 3.76 -8.43 9.06
CA LYS A 238 4.28 -9.73 9.44
C LYS A 238 5.75 -9.64 9.78
N GLU A 239 6.20 -10.55 10.65
CA GLU A 239 7.61 -10.75 10.85
C GLU A 239 8.26 -11.07 9.50
N ASP A 240 9.43 -10.49 9.25
CA ASP A 240 10.19 -10.62 8.00
C ASP A 240 10.55 -12.09 7.86
N PRO A 241 10.00 -12.79 6.87
CA PRO A 241 10.18 -14.24 6.85
C PRO A 241 11.61 -14.65 6.55
N ALA A 242 12.35 -13.90 5.73
CA ALA A 242 13.75 -14.21 5.52
C ALA A 242 14.54 -14.12 6.82
N THR A 243 14.36 -13.02 7.56
CA THR A 243 15.05 -12.87 8.84
C THR A 243 14.74 -14.02 9.78
N MSE A 244 13.47 -14.38 9.92
CA MSE A 244 13.14 -15.43 10.86
C MSE A 244 13.69 -16.79 10.38
O MSE A 244 14.09 -17.57 11.21
CB MSE A 244 11.64 -15.47 11.07
CG MSE A 244 11.05 -14.14 11.47
SE MSE A 244 11.94 -13.27 13.01
CE MSE A 244 11.84 -11.39 12.50
H MSE A 244 12.80 -14.04 9.50
HA MSE A 244 13.54 -15.24 11.72
HB2 MSE A 244 11.21 -15.74 10.24
HB3 MSE A 244 11.43 -16.10 11.78
HG2 MSE A 244 11.11 -13.54 10.72
HG3 MSE A 244 10.12 -14.28 11.71
HE1 MSE A 244 12.33 -10.86 13.14
HE2 MSE A 244 12.23 -11.29 11.62
HE3 MSE A 244 10.91 -11.11 12.48
N SER A 245 13.72 -17.04 9.07
CA SER A 245 14.25 -18.30 8.56
C SER A 245 15.75 -18.38 8.76
N LEU A 246 16.43 -17.24 8.59
CA LEU A 246 17.87 -17.21 8.80
C LEU A 246 18.21 -17.45 10.27
N LEU A 247 17.31 -17.09 11.16
CA LEU A 247 17.51 -17.27 12.59
C LEU A 247 17.12 -18.66 13.04
N GLN A 248 16.65 -19.50 12.12
CA GLN A 248 16.24 -20.87 12.44
C GLN A 248 15.09 -20.85 13.45
N ARG A 249 14.20 -19.87 13.30
CA ARG A 249 13.03 -19.68 14.16
C ARG A 249 11.82 -20.39 13.56
N SER A 250 10.88 -20.72 14.44
CA SER A 250 9.59 -21.20 14.00
C SER A 250 8.92 -20.10 13.20
N LEU A 251 8.56 -20.42 11.97
CA LEU A 251 8.03 -19.47 11.00
C LEU A 251 6.62 -19.96 10.66
N ASP A 252 5.61 -19.25 11.18
CA ASP A 252 4.22 -19.46 10.79
C ASP A 252 3.88 -18.37 9.78
N PRO A 253 3.85 -18.67 8.47
CA PRO A 253 3.63 -17.60 7.49
C PRO A 253 2.28 -16.93 7.61
N GLU A 254 1.36 -17.50 8.38
CA GLU A 254 0.02 -16.94 8.52
C GLU A 254 -0.14 -15.99 9.70
N LYS A 255 0.86 -15.89 10.59
CA LYS A 255 0.75 -15.01 11.74
C LYS A 255 0.90 -13.56 11.30
N THR A 256 0.15 -12.67 11.93
CA THR A 256 0.22 -11.25 11.61
C THR A 256 0.47 -10.48 12.90
N LEU A 257 1.21 -9.37 12.78
CA LEU A 257 1.37 -8.42 13.88
C LEU A 257 0.30 -7.35 13.85
N GLY A 258 -0.37 -7.20 12.71
CA GLY A 258 -1.52 -6.32 12.64
C GLY A 258 -2.06 -6.34 11.23
N LEU A 259 -3.28 -5.81 11.11
CA LEU A 259 -3.97 -5.63 9.84
C LEU A 259 -4.17 -4.13 9.64
N VAL A 260 -4.02 -3.68 8.41
CA VAL A 260 -4.02 -2.25 8.09
C VAL A 260 -4.98 -2.01 6.93
N ASP A 261 -5.97 -1.15 7.15
CA ASP A 261 -6.93 -0.76 6.12
C ASP A 261 -6.42 0.48 5.39
N VAL A 262 -6.56 0.45 4.06
CA VAL A 262 -6.11 1.54 3.18
C VAL A 262 -7.24 1.92 2.23
N LEU A 263 -7.40 3.21 2.01
CA LEU A 263 -8.34 3.71 1.01
C LEU A 263 -7.56 4.63 0.09
N TYR A 264 -7.53 4.29 -1.19
CA TYR A 264 -6.88 5.09 -2.23
C TYR A 264 -7.97 5.84 -2.99
N THR A 265 -7.82 7.16 -3.10
CA THR A 265 -8.84 7.97 -3.75
C THR A 265 -8.23 8.84 -4.84
N ALA A 266 -8.75 8.71 -6.03
CA ALA A 266 -8.30 9.50 -7.16
C ALA A 266 -9.50 10.29 -7.65
N VAL A 267 -9.26 11.57 -7.94
CA VAL A 267 -10.32 12.46 -8.41
C VAL A 267 -9.91 13.03 -9.75
N LEU A 268 -10.76 12.85 -10.76
CA LEU A 268 -10.59 13.46 -12.07
CA LEU A 268 -10.58 13.46 -12.06
C LEU A 268 -11.67 14.51 -12.22
N ASP A 269 -11.26 15.79 -12.22
CA ASP A 269 -12.16 16.92 -12.41
C ASP A 269 -12.36 17.11 -13.91
N LEU A 270 -13.59 16.88 -14.37
CA LEU A 270 -13.88 16.90 -15.80
C LEU A 270 -13.78 18.31 -16.39
N ASN A 271 -14.00 19.34 -15.57
CA ASN A 271 -13.78 20.71 -16.06
C ASN A 271 -12.29 21.01 -16.21
N ARG A 272 -11.46 20.52 -15.28
CA ARG A 272 -10.02 20.71 -15.46
C ARG A 272 -9.51 19.91 -16.66
N TRP A 273 -10.03 18.70 -16.84
CA TRP A 273 -9.65 17.89 -17.99
C TRP A 273 -9.84 18.65 -19.30
N ARG A 274 -11.02 19.21 -19.51
CA ARG A 274 -11.24 19.85 -20.79
C ARG A 274 -10.54 21.20 -20.88
N ALA A 275 -10.36 21.89 -19.75
CA ALA A 275 -9.55 23.11 -19.69
C ALA A 275 -8.05 22.83 -19.70
N GLY A 276 -7.64 21.57 -19.62
CA GLY A 276 -6.22 21.28 -19.59
C GLY A 276 -5.56 21.72 -18.30
N ARG A 277 -6.30 21.75 -17.20
CA ARG A 277 -5.73 22.15 -15.92
C ARG A 277 -5.24 20.94 -15.14
N GLU A 278 -4.37 21.23 -14.18
CA GLU A 278 -3.67 20.19 -13.43
C GLU A 278 -4.64 19.44 -12.52
N GLN A 279 -4.52 18.12 -12.52
CA GLN A 279 -5.37 17.32 -11.65
C GLN A 279 -4.66 17.09 -10.32
N ALA A 280 -5.46 16.83 -9.28
CA ALA A 280 -4.90 16.56 -7.96
C ALA A 280 -4.24 15.18 -7.96
N LEU A 281 -3.18 15.03 -7.18
CA LEU A 281 -2.64 13.70 -6.97
C LEU A 281 -3.64 12.83 -6.19
N PRO A 282 -3.60 11.50 -6.40
CA PRO A 282 -4.41 10.61 -5.54
C PRO A 282 -4.03 10.74 -4.07
N CYS A 283 -5.02 10.56 -3.22
CA CYS A 283 -4.84 10.54 -1.77
C CYS A 283 -4.90 9.12 -1.25
N ILE A 284 -4.10 8.84 -0.20
CA ILE A 284 -4.09 7.55 0.48
C ILE A 284 -4.41 7.80 1.95
N GLN A 285 -5.42 7.11 2.45
CA GLN A 285 -5.74 7.08 3.87
C GLN A 285 -5.41 5.70 4.41
N ILE A 286 -4.85 5.66 5.63
CA ILE A 286 -4.32 4.43 6.23
C ILE A 286 -4.72 4.35 7.70
N GLN A 287 -5.17 3.18 8.14
CA GLN A 287 -5.52 3.01 9.54
C GLN A 287 -5.32 1.57 9.97
N LEU A 288 -4.59 1.40 11.07
CA LEU A 288 -4.46 0.10 11.74
C LEU A 288 -5.80 -0.38 12.28
N GLN A 289 -6.15 -1.63 11.99
CA GLN A 289 -7.35 -2.25 12.55
C GLN A 289 -7.16 -2.57 14.04
N ARG A 290 -8.25 -2.58 14.78
CA ARG A 290 -8.20 -2.92 16.20
C ARG A 290 -8.14 -4.42 16.47
N GLY A 312 -13.17 10.26 6.10
CA GLY A 312 -13.37 9.19 7.07
C GLY A 312 -13.21 7.82 6.45
N LEU A 313 -12.07 7.18 6.74
CA LEU A 313 -11.78 5.88 6.14
C LEU A 313 -12.79 4.83 6.60
N GLN A 314 -13.05 4.78 7.92
CA GLN A 314 -13.91 3.73 8.45
C GLN A 314 -15.32 3.84 7.88
N LYS A 315 -15.85 5.07 7.78
CA LYS A 315 -17.19 5.24 7.21
C LYS A 315 -17.24 4.77 5.77
N THR A 316 -16.23 5.12 4.99
CA THR A 316 -16.17 4.67 3.60
C THR A 316 -16.06 3.16 3.49
N PHE A 317 -15.22 2.55 4.32
CA PHE A 317 -15.12 1.08 4.31
C PHE A 317 -16.48 0.44 4.53
N SER A 318 -17.29 0.99 5.45
CA SER A 318 -18.60 0.42 5.73
C SER A 318 -19.61 0.70 4.62
N LYS A 319 -19.46 1.82 3.90
CA LYS A 319 -20.34 2.08 2.76
C LYS A 319 -19.99 1.16 1.59
N LEU A 320 -18.71 0.84 1.40
CA LEU A 320 -18.32 -0.02 0.28
C LEU A 320 -18.66 -1.48 0.56
N THR A 321 -18.43 -1.97 1.78
CA THR A 321 -18.69 -3.37 2.09
C THR A 321 -20.18 -3.70 2.07
N SER A 322 -21.07 -2.71 2.23
CA SER A 322 -22.51 -2.94 2.28
C SER A 322 -23.15 -3.05 0.89
N ARG A 323 -22.41 -2.75 -0.18
CA ARG A 323 -22.97 -2.84 -1.52
C ARG A 323 -23.34 -4.28 -1.87
N PHE A 324 -24.37 -4.42 -2.70
CA PHE A 324 -24.83 -5.74 -3.13
C PHE A 324 -23.84 -6.37 -4.10
C1 EDO B . -26.36 15.81 -21.77
O1 EDO B . -24.94 15.91 -21.93
C2 EDO B . -26.66 14.79 -20.67
O2 EDO B . -26.01 15.10 -19.44
H11 EDO B . -26.83 15.51 -22.70
H12 EDO B . -26.77 16.78 -21.48
HO1 EDO B . -24.75 16.59 -22.61
H21 EDO B . -27.75 14.75 -20.51
H22 EDO B . -26.35 13.80 -21.01
HO2 EDO B . -26.27 14.47 -18.76
C1 MLI C . -6.13 12.23 -11.82
C2 MLI C . -4.75 11.69 -11.44
C3 MLI C . -7.08 11.03 -11.92
O6 MLI C . -4.09 12.21 -10.48
O7 MLI C . -4.27 10.73 -12.10
O8 MLI C . -8.00 10.96 -11.08
O9 MLI C . -6.94 10.11 -12.78
H11 MLI C . -6.08 12.68 -12.67
H12 MLI C . -6.44 12.84 -11.14
C1 MLI D . 14.00 0.56 22.94
C2 MLI D . 13.33 1.85 23.43
C3 MLI D . 13.85 0.29 21.43
O6 MLI D . 13.24 2.88 22.69
O7 MLI D . 12.86 1.90 24.60
O8 MLI D . 12.87 0.72 20.74
O9 MLI D . 14.74 -0.40 20.85
H11 MLI D . 14.95 0.61 23.15
H12 MLI D . 13.61 -0.18 23.42
MG MG E . 9.12 10.85 15.04
#